data_8D3F
#
_entry.id   8D3F
#
_cell.length_a   59.960
_cell.length_b   163.920
_cell.length_c   226.860
_cell.angle_alpha   90.000
_cell.angle_beta   90.000
_cell.angle_gamma   90.000
#
_symmetry.space_group_name_H-M   'C 2 2 21'
#
_entity_poly.entity_id   1
_entity_poly.type   'polypeptide(L)'
_entity_poly.pdbx_seq_one_letter_code
;MWSHPQFEKSTVMLDKQKELDSKVRNVKDKVMCIEHEIKSLEDLQDEYDFKCKTLQNREHETNGVAKSDQKQEQLLLKKM
YLMLDNKRKEVVHKIIELLNVTELTQNALINDELVEWKRRQQSACIGGPPNACLDQLQNWFTIVAESLQQVRQQLKKLEE
LEQKYTYEHDPITKNKQVLWDRTFSLFQQLIQSSFVVERQPCMPTHPQRPLVLKTGVQFTVKLRLLVKLQELNYNLKVKV
LFDKDVNERNTVKGFRKFNILGTHTKVMNMEESTNGSLAAEFRHLQLKEQKNAGTRTNEGPLIVTEELHSLSFETQLCQP
GLVIDLETTSLPVVVISNVSQLPSGWASILWYNMLVAEPRNLSFFLTPPCARWAQLSEVLSWQFSSVTKRGLNVDQLNML
GEKLLGPNASPDGLIPWTRFCKENINDKNFPFWLWIESILELIKKHLLPLWNDGCIMGFISKERERALLKDQQPGTFLLR
FSESSREGAITFTWVERSQNGGEPDFHAVEPYTKKELSAVTFPDIIRNYKVMAAENIPENPLKYLYPNIDKDHAFGKYYS
RPKEAPEPMELDGPKGTGYIKTELISVSEVHSGGGGSGGGGSGGGGGIDRPGTTGTKGPQVRTALDVLRELTQQAKQLRL
TA
;
_entity_poly.pdbx_strand_id   A
#
# COMPACT_ATOMS: atom_id res chain seq x y z
N LEU A 14 -9.58 -21.67 -0.41
CA LEU A 14 -9.18 -20.29 -0.67
C LEU A 14 -7.74 -20.06 -0.25
N ASP A 15 -7.20 -20.99 0.53
CA ASP A 15 -5.85 -20.89 1.06
C ASP A 15 -4.99 -21.93 0.36
N LYS A 16 -4.05 -21.47 -0.47
CA LYS A 16 -2.91 -22.32 -0.81
C LYS A 16 -1.94 -22.44 0.36
N GLN A 17 -2.15 -21.70 1.45
CA GLN A 17 -1.31 -21.83 2.63
C GLN A 17 -1.32 -23.26 3.15
N LYS A 18 -2.49 -23.89 3.18
CA LYS A 18 -2.60 -25.24 3.72
C LYS A 18 -1.64 -26.20 3.03
N GLU A 19 -1.61 -26.19 1.69
CA GLU A 19 -0.67 -27.06 0.98
C GLU A 19 0.78 -26.63 1.19
N LEU A 20 1.05 -25.32 1.26
CA LEU A 20 2.42 -24.85 1.45
C LEU A 20 2.95 -25.27 2.81
N ASP A 21 2.17 -25.04 3.88
CA ASP A 21 2.50 -25.54 5.20
C ASP A 21 2.92 -27.00 5.17
N SER A 22 2.20 -27.82 4.42
CA SER A 22 2.54 -29.24 4.37
C SER A 22 3.87 -29.48 3.67
N LYS A 23 4.09 -28.81 2.52
CA LYS A 23 5.32 -29.03 1.79
C LYS A 23 6.52 -28.71 2.67
N VAL A 24 6.46 -27.56 3.34
CA VAL A 24 7.60 -27.19 4.16
C VAL A 24 7.63 -28.05 5.42
N ARG A 25 6.47 -28.48 5.91
CA ARG A 25 6.46 -29.53 6.93
C ARG A 25 7.16 -30.78 6.41
N ASN A 26 6.77 -31.23 5.20
CA ASN A 26 7.42 -32.36 4.56
C ASN A 26 8.93 -32.16 4.44
N VAL A 27 9.33 -30.97 4.00
CA VAL A 27 10.76 -30.60 3.94
C VAL A 27 11.43 -30.81 5.30
N LYS A 28 10.83 -30.29 6.36
CA LYS A 28 11.42 -30.50 7.67
C LYS A 28 11.40 -31.97 8.05
N ASP A 29 10.31 -32.66 7.72
CA ASP A 29 10.21 -34.08 8.05
C ASP A 29 11.20 -34.92 7.28
N LYS A 30 11.58 -34.48 6.06
CA LYS A 30 12.52 -35.23 5.24
C LYS A 30 13.96 -35.06 5.74
N VAL A 31 14.39 -33.83 6.06
CA VAL A 31 15.75 -33.68 6.61
C VAL A 31 15.90 -34.50 7.88
N MET A 32 14.81 -34.73 8.63
CA MET A 32 15.03 -35.30 9.95
C MET A 32 15.22 -36.81 9.87
N CYS A 33 14.55 -37.46 8.93
CA CYS A 33 14.84 -38.88 8.71
C CYS A 33 16.27 -39.04 8.17
N ILE A 34 16.64 -38.19 7.20
CA ILE A 34 18.02 -38.19 6.68
C ILE A 34 19.02 -38.12 7.83
N GLU A 35 18.81 -37.21 8.79
CA GLU A 35 19.71 -37.14 9.93
C GLU A 35 19.68 -38.44 10.72
N HIS A 36 18.49 -39.05 10.86
CA HIS A 36 18.38 -40.34 11.53
C HIS A 36 19.14 -41.42 10.76
N GLU A 37 19.01 -41.43 9.44
CA GLU A 37 19.62 -42.48 8.62
C GLU A 37 21.14 -42.29 8.50
N ILE A 38 21.63 -41.04 8.56
CA ILE A 38 23.07 -40.83 8.52
C ILE A 38 23.71 -41.26 9.83
N LYS A 39 22.99 -41.15 10.95
CA LYS A 39 23.57 -41.59 12.21
C LYS A 39 23.83 -43.09 12.17
N SER A 40 22.85 -43.88 11.69
CA SER A 40 23.11 -45.31 11.53
C SER A 40 24.01 -45.60 10.32
N LEU A 41 24.10 -44.66 9.37
CA LEU A 41 25.09 -44.83 8.31
C LEU A 41 26.52 -44.76 8.85
N GLU A 42 26.82 -43.79 9.72
CA GLU A 42 28.14 -43.79 10.35
C GLU A 42 28.25 -44.85 11.43
N ASP A 43 27.14 -45.17 12.11
CA ASP A 43 27.16 -46.27 13.06
C ASP A 43 27.59 -47.59 12.40
N LEU A 44 27.05 -47.88 11.23
CA LEU A 44 27.47 -49.07 10.53
C LEU A 44 28.80 -48.87 9.84
N GLN A 45 29.07 -47.67 9.32
CA GLN A 45 30.41 -47.41 8.80
C GLN A 45 31.46 -47.73 9.84
N ASP A 46 31.15 -47.50 11.11
CA ASP A 46 32.16 -47.67 12.15
C ASP A 46 32.35 -49.14 12.48
N GLU A 47 31.26 -49.92 12.49
CA GLU A 47 31.43 -51.33 12.81
C GLU A 47 31.93 -52.13 11.62
N TYR A 48 31.77 -51.62 10.40
CA TYR A 48 32.42 -52.26 9.26
C TYR A 48 33.93 -52.12 9.33
N ASP A 49 34.42 -50.90 9.58
CA ASP A 49 35.85 -50.74 9.86
C ASP A 49 36.25 -51.56 11.07
N PHE A 50 35.42 -51.57 12.10
CA PHE A 50 35.74 -52.32 13.32
C PHE A 50 35.90 -53.82 13.01
N LYS A 51 34.89 -54.42 12.38
CA LYS A 51 34.98 -55.86 12.06
C LYS A 51 36.11 -56.13 11.07
N CYS A 52 36.18 -55.34 9.99
CA CYS A 52 37.16 -55.60 8.94
C CYS A 52 38.59 -55.44 9.45
N LYS A 53 38.78 -54.68 10.53
CA LYS A 53 40.09 -54.51 11.12
C LYS A 53 40.42 -55.61 12.13
N THR A 54 39.46 -56.01 12.97
CA THR A 54 39.69 -57.10 13.91
C THR A 54 39.90 -58.44 13.19
N LEU A 55 39.15 -58.67 12.10
CA LEU A 55 39.38 -59.89 11.31
C LEU A 55 40.78 -59.88 10.69
N GLN A 56 41.30 -58.71 10.33
CA GLN A 56 42.66 -58.66 9.81
C GLN A 56 43.71 -58.96 10.89
N ASN A 57 43.34 -58.90 12.18
CA ASN A 57 44.26 -59.19 13.28
C ASN A 57 44.12 -60.66 13.65
N ARG A 58 45.03 -61.47 13.11
CA ARG A 58 44.93 -62.93 13.17
C ARG A 58 45.09 -63.49 14.58
N GLN A 70 34.24 -72.66 8.75
CA GLN A 70 35.01 -72.54 9.99
C GLN A 70 34.91 -71.14 10.58
N LYS A 71 33.72 -70.77 11.07
CA LYS A 71 33.42 -69.41 11.50
C LYS A 71 33.91 -68.40 10.47
N GLN A 72 33.40 -68.55 9.24
CA GLN A 72 33.84 -67.72 8.12
C GLN A 72 33.78 -66.24 8.47
N GLU A 73 32.58 -65.72 8.72
CA GLU A 73 32.37 -64.29 9.01
C GLU A 73 32.74 -63.40 7.83
N GLN A 74 33.47 -63.91 6.85
CA GLN A 74 33.66 -63.13 5.63
C GLN A 74 32.37 -63.03 4.84
N LEU A 75 31.38 -63.88 5.14
CA LEU A 75 30.06 -63.70 4.56
C LEU A 75 29.38 -62.48 5.15
N LEU A 76 29.60 -62.23 6.45
CA LEU A 76 29.08 -61.02 7.08
C LEU A 76 29.71 -59.77 6.49
N LEU A 77 31.05 -59.68 6.54
CA LEU A 77 31.76 -58.52 6.02
C LEU A 77 31.48 -58.27 4.53
N LYS A 78 30.98 -59.26 3.80
CA LYS A 78 30.55 -58.94 2.44
C LYS A 78 29.16 -58.32 2.46
N LYS A 79 28.29 -58.76 3.39
CA LYS A 79 26.94 -58.20 3.51
C LYS A 79 26.97 -56.80 4.09
N MET A 80 27.69 -56.62 5.20
CA MET A 80 27.90 -55.29 5.77
C MET A 80 28.41 -54.30 4.75
N TYR A 81 29.24 -54.77 3.82
CA TYR A 81 29.63 -53.90 2.73
C TYR A 81 28.42 -53.45 1.90
N LEU A 82 27.57 -54.39 1.48
CA LEU A 82 26.46 -54.03 0.60
C LEU A 82 25.47 -53.08 1.29
N MET A 83 25.21 -53.30 2.58
CA MET A 83 24.39 -52.37 3.34
C MET A 83 24.93 -50.95 3.26
N LEU A 84 26.23 -50.79 3.58
CA LEU A 84 26.82 -49.46 3.51
C LEU A 84 26.59 -48.83 2.15
N ASP A 85 26.90 -49.56 1.07
CA ASP A 85 26.71 -48.99 -0.25
C ASP A 85 25.24 -48.66 -0.50
N ASN A 86 24.32 -49.53 -0.06
CA ASN A 86 22.90 -49.29 -0.26
C ASN A 86 22.47 -48.07 0.54
N LYS A 87 22.82 -48.06 1.84
CA LYS A 87 22.53 -46.90 2.67
C LYS A 87 23.06 -45.61 2.05
N ARG A 88 24.33 -45.62 1.63
CA ARG A 88 24.87 -44.46 0.92
C ARG A 88 23.99 -44.10 -0.28
N LYS A 89 23.73 -45.08 -1.15
CA LYS A 89 22.82 -44.84 -2.26
C LYS A 89 21.49 -44.26 -1.76
N GLU A 90 21.06 -44.65 -0.56
CA GLU A 90 19.75 -44.23 -0.05
C GLU A 90 19.76 -42.76 0.38
N VAL A 91 20.72 -42.37 1.22
CA VAL A 91 20.69 -40.98 1.65
C VAL A 91 21.06 -40.05 0.49
N VAL A 92 21.85 -40.53 -0.49
CA VAL A 92 22.04 -39.66 -1.63
C VAL A 92 20.74 -39.50 -2.41
N HIS A 93 19.92 -40.56 -2.49
CA HIS A 93 18.63 -40.41 -3.13
C HIS A 93 17.71 -39.52 -2.28
N LYS A 94 17.78 -39.65 -0.96
CA LYS A 94 16.85 -38.90 -0.13
C LYS A 94 17.17 -37.40 -0.14
N ILE A 95 18.44 -37.06 -0.25
CA ILE A 95 18.83 -35.64 -0.30
C ILE A 95 18.41 -35.04 -1.64
N ILE A 96 18.70 -35.73 -2.75
CA ILE A 96 18.31 -35.15 -4.03
C ILE A 96 16.77 -35.07 -4.11
N GLU A 97 16.07 -36.02 -3.49
CA GLU A 97 14.62 -35.93 -3.41
C GLU A 97 14.21 -34.68 -2.64
N LEU A 98 14.97 -34.35 -1.60
CA LEU A 98 14.63 -33.18 -0.83
C LEU A 98 14.97 -31.91 -1.59
N LEU A 99 16.19 -31.83 -2.13
CA LEU A 99 16.55 -30.69 -2.97
C LEU A 99 15.55 -30.48 -4.08
N ASN A 100 14.86 -31.54 -4.48
CA ASN A 100 13.89 -31.35 -5.54
C ASN A 100 12.56 -30.83 -5.01
N VAL A 101 12.11 -31.28 -3.83
CA VAL A 101 10.92 -30.69 -3.24
C VAL A 101 11.19 -29.25 -2.77
N THR A 102 12.40 -28.97 -2.25
CA THR A 102 12.61 -27.59 -1.80
C THR A 102 12.73 -26.64 -2.97
N GLU A 103 13.23 -27.11 -4.12
CA GLU A 103 13.19 -26.23 -5.28
C GLU A 103 11.74 -25.85 -5.60
N LEU A 104 10.82 -26.80 -5.44
CA LEU A 104 9.42 -26.53 -5.74
C LEU A 104 8.80 -25.61 -4.70
N THR A 105 9.20 -25.73 -3.42
CA THR A 105 8.53 -24.88 -2.44
C THR A 105 9.08 -23.46 -2.50
N GLN A 106 10.40 -23.31 -2.66
CA GLN A 106 10.98 -21.97 -2.80
C GLN A 106 10.38 -21.24 -4.01
N ASN A 107 10.26 -21.94 -5.15
CA ASN A 107 9.64 -21.28 -6.28
C ASN A 107 8.28 -20.74 -5.89
N ALA A 108 7.47 -21.55 -5.20
CA ALA A 108 6.20 -21.05 -4.67
C ALA A 108 6.45 -19.90 -3.70
N LEU A 109 7.28 -20.13 -2.68
CA LEU A 109 7.50 -19.11 -1.66
C LEU A 109 7.98 -17.82 -2.27
N ILE A 110 9.05 -17.88 -3.06
CA ILE A 110 9.66 -16.65 -3.57
C ILE A 110 8.85 -16.06 -4.70
N ASN A 111 8.24 -16.89 -5.54
CA ASN A 111 7.70 -16.35 -6.79
C ASN A 111 6.19 -16.21 -6.77
N ASP A 112 5.50 -16.77 -5.77
CA ASP A 112 4.07 -16.56 -5.62
C ASP A 112 3.79 -15.79 -4.34
N GLU A 113 3.85 -16.51 -3.20
CA GLU A 113 3.46 -15.92 -1.93
C GLU A 113 4.17 -14.59 -1.67
N LEU A 114 5.50 -14.56 -1.85
CA LEU A 114 6.22 -13.32 -1.59
C LEU A 114 5.87 -12.24 -2.60
N VAL A 115 5.81 -12.59 -3.89
CA VAL A 115 5.39 -11.59 -4.89
C VAL A 115 4.02 -11.00 -4.55
N GLU A 116 3.10 -11.84 -4.07
CA GLU A 116 1.74 -11.36 -3.78
C GLU A 116 1.72 -10.46 -2.55
N TRP A 117 2.50 -10.82 -1.52
CA TRP A 117 2.76 -9.90 -0.42
C TRP A 117 3.12 -8.52 -0.94
N LYS A 118 4.11 -8.45 -1.82
CA LYS A 118 4.62 -7.15 -2.22
C LYS A 118 3.57 -6.35 -2.99
N ARG A 119 2.70 -7.02 -3.77
CA ARG A 119 1.65 -6.26 -4.45
C ARG A 119 0.61 -5.76 -3.46
N ARG A 120 0.20 -6.61 -2.51
CA ARG A 120 -0.70 -6.12 -1.49
C ARG A 120 0.01 -5.25 -0.46
N GLN A 121 1.35 -5.15 -0.50
CA GLN A 121 1.98 -4.08 0.27
C GLN A 121 1.86 -2.76 -0.47
N GLN A 122 1.89 -2.78 -1.80
CA GLN A 122 1.71 -1.50 -2.45
C GLN A 122 0.24 -1.13 -2.58
N SER A 123 -0.67 -2.10 -2.52
CA SER A 123 -2.07 -1.75 -2.32
C SER A 123 -2.26 -1.11 -0.95
N ALA A 124 -1.71 -1.72 0.10
CA ALA A 124 -1.93 -1.21 1.45
C ALA A 124 -1.38 0.21 1.59
N CYS A 125 -0.20 0.47 1.02
CA CYS A 125 0.41 1.76 1.25
C CYS A 125 -0.43 2.90 0.67
N ILE A 126 -1.28 2.63 -0.30
CA ILE A 126 -1.98 3.69 -0.99
C ILE A 126 -3.49 3.63 -0.80
N GLY A 127 -3.98 2.74 0.08
CA GLY A 127 -5.29 2.89 0.69
C GLY A 127 -6.01 1.56 0.76
N GLY A 128 -5.38 0.52 0.21
CA GLY A 128 -5.99 -0.77 0.19
C GLY A 128 -6.22 -1.31 1.60
N PRO A 129 -6.88 -2.46 1.69
CA PRO A 129 -7.00 -3.16 2.98
C PRO A 129 -5.63 -3.38 3.60
N PRO A 130 -5.57 -3.53 4.92
CA PRO A 130 -4.26 -3.66 5.58
C PRO A 130 -3.59 -4.95 5.14
N ASN A 131 -2.26 -4.92 5.10
CA ASN A 131 -1.52 -6.11 4.72
C ASN A 131 -1.41 -7.05 5.90
N ALA A 132 -1.27 -8.34 5.61
CA ALA A 132 -1.10 -9.30 6.70
C ALA A 132 0.28 -9.15 7.36
N CYS A 133 0.56 -10.02 8.33
CA CYS A 133 1.85 -10.06 8.99
C CYS A 133 2.86 -10.80 8.12
N LEU A 134 4.11 -10.34 8.16
CA LEU A 134 5.20 -11.06 7.51
C LEU A 134 5.50 -12.37 8.17
N ASP A 135 4.74 -12.73 9.22
CA ASP A 135 5.19 -13.78 10.12
C ASP A 135 5.01 -15.15 9.51
N GLN A 136 3.88 -15.36 8.81
CA GLN A 136 3.74 -16.61 8.07
C GLN A 136 4.84 -16.77 7.01
N LEU A 137 5.11 -15.71 6.24
CA LEU A 137 6.23 -15.77 5.29
C LEU A 137 7.55 -16.01 6.02
N GLN A 138 7.80 -15.28 7.10
CA GLN A 138 9.05 -15.45 7.85
C GLN A 138 9.18 -16.88 8.33
N ASN A 139 8.09 -17.46 8.82
CA ASN A 139 8.16 -18.82 9.32
C ASN A 139 8.47 -19.81 8.20
N TRP A 140 7.83 -19.61 7.04
CA TRP A 140 8.18 -20.40 5.87
C TRP A 140 9.65 -20.23 5.51
N PHE A 141 10.07 -19.02 5.17
CA PHE A 141 11.47 -18.82 4.81
C PHE A 141 12.42 -19.44 5.81
N THR A 142 12.01 -19.51 7.08
CA THR A 142 13.00 -19.84 8.10
C THR A 142 13.31 -21.33 8.12
N ILE A 143 12.28 -22.19 8.19
CA ILE A 143 12.58 -23.61 8.38
C ILE A 143 13.05 -24.23 7.06
N VAL A 144 12.58 -23.74 5.91
CA VAL A 144 13.27 -24.03 4.66
C VAL A 144 14.76 -23.69 4.77
N ALA A 145 15.08 -22.50 5.27
CA ALA A 145 16.48 -22.16 5.40
C ALA A 145 17.16 -23.02 6.46
N GLU A 146 16.45 -23.31 7.57
CA GLU A 146 17.04 -24.15 8.60
C GLU A 146 17.29 -25.55 8.08
N SER A 147 16.35 -26.08 7.28
CA SER A 147 16.60 -27.34 6.58
C SER A 147 17.77 -27.22 5.61
N LEU A 148 17.81 -26.14 4.83
CA LEU A 148 18.89 -25.96 3.86
C LEU A 148 20.28 -25.93 4.49
N GLN A 149 20.40 -25.61 5.77
CA GLN A 149 21.71 -25.59 6.38
C GLN A 149 22.00 -26.87 7.12
N GLN A 150 20.97 -27.61 7.54
CA GLN A 150 21.20 -28.94 8.08
C GLN A 150 21.65 -29.89 6.99
N VAL A 151 21.06 -29.77 5.79
CA VAL A 151 21.57 -30.51 4.63
C VAL A 151 23.05 -30.20 4.40
N ARG A 152 23.41 -28.92 4.44
CA ARG A 152 24.82 -28.55 4.32
C ARG A 152 25.65 -29.32 5.34
N GLN A 153 25.15 -29.46 6.56
CA GLN A 153 25.91 -30.19 7.58
C GLN A 153 25.96 -31.67 7.25
N GLN A 154 24.87 -32.20 6.71
CA GLN A 154 24.84 -33.59 6.29
C GLN A 154 25.80 -33.84 5.13
N LEU A 155 25.74 -33.00 4.08
CA LEU A 155 26.71 -33.11 3.00
C LEU A 155 28.15 -33.13 3.51
N LYS A 156 28.41 -32.51 4.65
CA LYS A 156 29.76 -32.45 5.17
C LYS A 156 30.12 -33.66 6.03
N LYS A 157 29.18 -34.24 6.77
CA LYS A 157 29.54 -35.47 7.47
C LYS A 157 29.63 -36.63 6.50
N LEU A 158 28.85 -36.60 5.41
CA LEU A 158 29.07 -37.55 4.32
C LEU A 158 30.48 -37.42 3.77
N GLU A 159 30.95 -36.18 3.59
CA GLU A 159 32.31 -36.01 3.14
C GLU A 159 33.30 -36.62 4.12
N GLU A 160 33.00 -36.55 5.43
CA GLU A 160 33.84 -37.17 6.46
C GLU A 160 33.86 -38.68 6.32
N LEU A 161 32.73 -39.28 5.97
CA LEU A 161 32.66 -40.73 5.80
C LEU A 161 33.27 -41.16 4.48
N GLU A 162 33.21 -40.31 3.45
CA GLU A 162 33.80 -40.64 2.17
C GLU A 162 35.30 -40.86 2.27
N GLN A 163 36.01 -39.98 3.00
CA GLN A 163 37.46 -40.13 3.04
C GLN A 163 37.92 -41.07 4.15
N LYS A 164 37.07 -41.33 5.15
CA LYS A 164 37.31 -42.48 6.02
C LYS A 164 37.20 -43.79 5.24
N TYR A 165 36.36 -43.83 4.21
CA TYR A 165 36.07 -45.06 3.49
C TYR A 165 35.43 -44.72 2.14
N THR A 166 36.14 -44.97 1.04
CA THR A 166 35.56 -44.90 -0.30
C THR A 166 35.81 -46.19 -1.11
N TYR A 167 35.53 -46.15 -2.40
CA TYR A 167 35.57 -47.32 -3.29
C TYR A 167 35.06 -46.97 -4.69
N GLU A 168 34.99 -47.97 -5.56
CA GLU A 168 34.68 -47.71 -6.97
C GLU A 168 33.25 -47.19 -7.10
N HIS A 169 33.10 -46.07 -7.80
CA HIS A 169 31.78 -45.44 -8.01
C HIS A 169 31.06 -45.18 -6.69
N ASP A 170 31.75 -44.49 -5.79
CA ASP A 170 31.19 -44.11 -4.50
C ASP A 170 30.01 -43.19 -4.71
N PRO A 171 28.79 -43.55 -4.29
CA PRO A 171 27.66 -42.63 -4.55
C PRO A 171 27.86 -41.30 -3.86
N ILE A 172 28.63 -41.26 -2.77
CA ILE A 172 28.97 -39.99 -2.17
C ILE A 172 29.77 -39.15 -3.16
N THR A 173 30.81 -39.74 -3.74
CA THR A 173 31.72 -38.97 -4.59
C THR A 173 31.06 -38.59 -5.89
N LYS A 174 30.14 -39.39 -6.36
CA LYS A 174 29.65 -39.08 -7.69
C LYS A 174 28.66 -37.92 -7.64
N ASN A 175 28.01 -37.67 -6.50
CA ASN A 175 27.09 -36.55 -6.39
C ASN A 175 27.58 -35.42 -5.50
N LYS A 176 28.74 -35.59 -4.83
CA LYS A 176 29.18 -34.64 -3.81
C LYS A 176 29.17 -33.20 -4.32
N GLN A 177 29.67 -32.98 -5.54
CA GLN A 177 29.81 -31.62 -6.03
C GLN A 177 28.46 -30.97 -6.33
N VAL A 178 27.61 -31.61 -7.13
CA VAL A 178 26.41 -30.89 -7.51
C VAL A 178 25.37 -30.87 -6.39
N LEU A 179 25.41 -31.84 -5.47
CA LEU A 179 24.60 -31.69 -4.27
C LEU A 179 24.99 -30.42 -3.54
N TRP A 180 26.30 -30.24 -3.36
CA TRP A 180 26.82 -29.03 -2.74
C TRP A 180 26.40 -27.78 -3.51
N ASP A 181 26.48 -27.83 -4.84
CA ASP A 181 26.16 -26.66 -5.62
C ASP A 181 24.66 -26.40 -5.66
N ARG A 182 23.86 -27.46 -5.59
CA ARG A 182 22.41 -27.28 -5.60
C ARG A 182 21.92 -26.70 -4.29
N THR A 183 22.42 -27.19 -3.14
CA THR A 183 21.98 -26.61 -1.88
C THR A 183 22.38 -25.15 -1.76
N PHE A 184 23.57 -24.78 -2.25
CA PHE A 184 23.98 -23.40 -2.03
C PHE A 184 23.16 -22.46 -2.91
N SER A 185 23.08 -22.74 -4.22
CA SER A 185 22.36 -21.80 -5.09
C SER A 185 20.95 -21.56 -4.59
N LEU A 186 20.32 -22.63 -4.07
CA LEU A 186 19.00 -22.53 -3.47
C LEU A 186 19.03 -21.65 -2.22
N PHE A 187 19.87 -22.04 -1.26
CA PHE A 187 20.04 -21.24 -0.05
C PHE A 187 20.41 -19.80 -0.41
N GLN A 188 21.28 -19.61 -1.39
CA GLN A 188 21.74 -18.27 -1.74
C GLN A 188 20.57 -17.38 -2.14
N GLN A 189 19.83 -17.78 -3.19
CA GLN A 189 18.71 -16.95 -3.62
C GLN A 189 17.60 -16.91 -2.58
N LEU A 190 17.39 -17.99 -1.83
CA LEU A 190 16.35 -17.99 -0.79
C LEU A 190 16.49 -16.79 0.13
N ILE A 191 17.66 -16.65 0.78
CA ILE A 191 17.85 -15.55 1.71
C ILE A 191 18.07 -14.24 0.97
N GLN A 192 18.58 -14.32 -0.28
CA GLN A 192 18.67 -13.14 -1.12
C GLN A 192 17.30 -12.49 -1.35
N SER A 193 16.29 -13.30 -1.63
CA SER A 193 14.94 -12.83 -1.79
C SER A 193 14.27 -12.52 -0.47
N SER A 194 14.90 -12.89 0.65
CA SER A 194 14.35 -12.64 1.97
C SER A 194 14.49 -11.19 2.40
N PHE A 195 15.25 -10.39 1.65
CA PHE A 195 15.60 -9.01 1.98
C PHE A 195 14.45 -8.10 1.52
N VAL A 196 13.53 -7.78 2.43
CA VAL A 196 12.36 -7.03 2.04
C VAL A 196 12.32 -5.72 2.82
N VAL A 197 11.81 -4.68 2.16
CA VAL A 197 11.44 -3.44 2.85
C VAL A 197 10.13 -3.73 3.59
N GLU A 198 10.22 -3.94 4.90
CA GLU A 198 9.01 -4.19 5.69
C GLU A 198 8.12 -2.96 5.74
N ARG A 199 8.71 -1.78 5.97
CA ARG A 199 7.93 -0.53 5.97
C ARG A 199 8.59 0.46 5.01
N GLN A 200 7.80 0.94 4.02
CA GLN A 200 8.31 1.76 2.95
C GLN A 200 8.73 3.13 3.46
N PRO A 201 9.56 3.85 2.71
CA PRO A 201 9.92 5.23 3.10
C PRO A 201 8.68 6.09 3.34
N CYS A 202 8.69 6.81 4.45
CA CYS A 202 7.50 7.54 4.90
C CYS A 202 7.98 8.56 5.91
N MET A 203 7.82 9.87 5.58
CA MET A 203 8.04 10.98 6.52
C MET A 203 7.04 10.84 7.65
N PRO A 204 7.51 10.62 8.87
CA PRO A 204 6.55 10.47 9.97
C PRO A 204 5.67 11.69 10.15
N THR A 205 6.25 12.89 9.95
CA THR A 205 5.48 14.14 10.02
C THR A 205 4.41 14.22 8.94
N HIS A 206 4.40 13.27 8.01
CA HIS A 206 3.33 13.14 7.01
C HIS A 206 2.96 11.68 6.90
N PRO A 207 2.26 11.15 7.91
CA PRO A 207 2.09 9.69 8.01
C PRO A 207 1.26 9.09 6.89
N GLN A 208 0.12 9.66 6.57
CA GLN A 208 -0.77 9.02 5.61
C GLN A 208 -0.29 9.20 4.17
N ARG A 209 0.89 9.78 3.93
CA ARG A 209 1.36 9.93 2.54
C ARG A 209 2.81 9.45 2.32
N PRO A 210 3.06 8.14 2.43
CA PRO A 210 4.41 7.62 2.23
C PRO A 210 4.84 7.75 0.77
N LEU A 211 6.14 7.45 0.55
CA LEU A 211 6.79 7.41 -0.76
C LEU A 211 7.01 8.81 -1.33
N VAL A 212 6.48 9.83 -0.67
CA VAL A 212 6.74 11.22 -1.01
C VAL A 212 7.55 11.82 0.14
N LEU A 213 8.68 12.44 -0.19
CA LEU A 213 9.60 12.97 0.80
C LEU A 213 10.02 14.38 0.43
N LYS A 214 10.07 15.25 1.43
CA LYS A 214 10.48 16.64 1.25
C LYS A 214 11.91 16.83 1.73
N THR A 215 12.71 17.47 0.90
CA THR A 215 14.07 17.84 1.24
C THR A 215 14.12 18.48 2.63
N GLY A 216 14.95 17.92 3.52
CA GLY A 216 15.13 18.43 4.85
C GLY A 216 14.20 17.88 5.91
N VAL A 217 13.32 16.95 5.55
CA VAL A 217 12.47 16.26 6.51
C VAL A 217 12.97 14.84 6.66
N GLN A 218 13.03 14.38 7.91
CA GLN A 218 13.46 13.02 8.16
C GLN A 218 12.37 12.05 7.74
N PHE A 219 12.79 10.90 7.22
CA PHE A 219 11.88 9.80 6.92
C PHE A 219 12.47 8.51 7.44
N THR A 220 11.59 7.53 7.62
CA THR A 220 11.97 6.24 8.15
C THR A 220 11.67 5.13 7.15
N VAL A 221 12.45 4.06 7.25
CA VAL A 221 12.26 2.89 6.41
C VAL A 221 12.84 1.69 7.17
N LYS A 222 12.12 0.56 7.13
CA LYS A 222 12.49 -0.63 7.88
C LYS A 222 12.71 -1.80 6.94
N LEU A 223 13.91 -2.37 6.96
CA LEU A 223 14.20 -3.56 6.17
C LEU A 223 14.09 -4.79 7.06
N ARG A 224 13.69 -5.90 6.48
CA ARG A 224 13.55 -7.14 7.23
C ARG A 224 14.16 -8.28 6.44
N LEU A 225 14.77 -9.22 7.16
CA LEU A 225 15.18 -10.50 6.60
C LEU A 225 14.28 -11.57 7.19
N LEU A 226 13.56 -12.30 6.31
CA LEU A 226 12.53 -13.21 6.76
C LEU A 226 13.04 -14.53 7.27
N VAL A 227 14.34 -14.81 7.18
CA VAL A 227 14.77 -16.17 7.47
C VAL A 227 15.04 -16.36 8.96
N LYS A 228 15.38 -15.30 9.68
CA LYS A 228 15.32 -15.32 11.14
C LYS A 228 16.20 -16.44 11.70
N LEU A 229 17.50 -16.30 11.45
CA LEU A 229 18.50 -17.26 11.91
C LEU A 229 19.38 -16.61 12.98
N GLN A 230 19.32 -17.16 14.19
CA GLN A 230 20.05 -16.58 15.32
C GLN A 230 21.52 -16.34 15.00
N GLU A 231 22.13 -17.20 14.18
CA GLU A 231 23.50 -17.01 13.72
C GLU A 231 23.76 -15.65 13.10
N LEU A 232 22.70 -14.94 12.68
CA LEU A 232 22.82 -13.73 11.91
C LEU A 232 22.60 -12.47 12.72
N ASN A 233 22.07 -12.60 13.96
CA ASN A 233 21.86 -11.45 14.82
C ASN A 233 23.13 -10.63 14.94
N TYR A 234 23.00 -9.33 14.66
CA TYR A 234 24.07 -8.32 14.73
C TYR A 234 25.19 -8.59 13.74
N ASN A 235 24.98 -9.50 12.79
CA ASN A 235 26.02 -9.86 11.84
C ASN A 235 25.80 -9.31 10.45
N LEU A 236 24.70 -8.60 10.19
CA LEU A 236 24.50 -8.01 8.88
C LEU A 236 24.32 -6.51 9.04
N LYS A 237 24.99 -5.75 8.16
CA LYS A 237 24.98 -4.30 8.15
C LYS A 237 24.50 -3.82 6.79
N VAL A 238 23.46 -2.99 6.79
CA VAL A 238 22.81 -2.56 5.56
C VAL A 238 23.22 -1.13 5.26
N LYS A 239 23.62 -0.88 4.03
CA LYS A 239 23.88 0.48 3.55
C LYS A 239 22.69 0.98 2.73
N VAL A 240 22.41 2.27 2.82
CA VAL A 240 21.38 2.90 2.00
C VAL A 240 22.05 3.68 0.88
N LEU A 241 21.59 3.46 -0.34
CA LEU A 241 22.03 4.20 -1.50
C LEU A 241 20.83 4.88 -2.15
N PHE A 242 21.00 6.14 -2.50
CA PHE A 242 19.98 6.87 -3.22
C PHE A 242 20.31 6.91 -4.70
N ASP A 243 19.35 6.53 -5.54
CA ASP A 243 19.53 6.52 -6.99
C ASP A 243 20.79 5.73 -7.38
N LYS A 244 20.81 4.46 -6.98
CA LYS A 244 21.93 3.61 -7.33
C LYS A 244 21.73 3.08 -8.74
N ASP A 245 22.80 3.09 -9.53
CA ASP A 245 22.78 2.55 -10.89
C ASP A 245 21.72 3.25 -11.74
N VAL A 246 22.03 4.49 -12.05
CA VAL A 246 21.09 5.37 -12.74
C VAL A 246 21.48 5.46 -14.22
N ASN A 247 20.76 4.75 -15.09
CA ASN A 247 20.86 5.13 -16.49
C ASN A 247 19.93 6.30 -16.77
N GLU A 248 18.85 6.40 -15.99
CA GLU A 248 17.84 7.43 -16.23
C GLU A 248 18.37 8.82 -15.91
N ARG A 249 19.26 8.93 -14.92
CA ARG A 249 19.73 10.24 -14.50
C ARG A 249 20.48 10.97 -15.62
N ASN A 250 21.28 10.24 -16.41
CA ASN A 250 21.88 10.91 -17.55
C ASN A 250 21.19 10.62 -18.88
N THR A 251 20.17 9.74 -18.93
CA THR A 251 19.40 9.65 -20.16
C THR A 251 18.29 10.71 -20.18
N VAL A 252 17.35 10.62 -19.21
CA VAL A 252 16.30 11.62 -19.18
C VAL A 252 16.87 13.00 -18.93
N LYS A 253 16.21 14.01 -19.54
CA LYS A 253 16.73 15.38 -19.53
C LYS A 253 16.38 16.08 -18.23
N GLY A 254 17.37 16.72 -17.62
CA GLY A 254 17.11 17.53 -16.45
C GLY A 254 16.86 16.78 -15.17
N PHE A 255 17.16 15.48 -15.14
CA PHE A 255 17.01 14.70 -13.92
C PHE A 255 17.75 15.33 -12.74
N ARG A 256 17.08 15.36 -11.58
CA ARG A 256 17.62 15.98 -10.38
C ARG A 256 18.44 14.96 -9.57
N LYS A 257 19.59 15.40 -9.05
CA LYS A 257 20.48 14.55 -8.25
C LYS A 257 20.45 14.97 -6.79
N PHE A 258 20.27 14.00 -5.90
CA PHE A 258 20.08 14.22 -4.48
C PHE A 258 21.09 13.40 -3.68
N ASN A 259 21.08 13.59 -2.36
CA ASN A 259 21.99 12.87 -1.48
C ASN A 259 21.33 12.60 -0.13
N ILE A 260 21.73 11.51 0.50
CA ILE A 260 21.18 11.11 1.79
C ILE A 260 22.01 11.73 2.89
N LEU A 261 21.34 12.31 3.87
CA LEU A 261 21.97 12.79 5.08
C LEU A 261 21.52 11.91 6.23
N GLY A 262 22.45 11.63 7.12
CA GLY A 262 22.25 10.72 8.21
C GLY A 262 23.25 9.58 8.14
N THR A 263 23.21 8.74 9.18
CA THR A 263 23.86 7.45 9.11
C THR A 263 23.35 6.71 7.90
N HIS A 264 24.25 6.46 6.93
CA HIS A 264 23.90 5.70 5.73
C HIS A 264 23.91 4.19 5.95
N THR A 265 24.36 3.73 7.10
CA THR A 265 24.44 2.31 7.41
C THR A 265 23.65 1.99 8.66
N LYS A 266 23.42 0.70 8.89
CA LYS A 266 22.75 0.23 10.10
C LYS A 266 22.80 -1.29 10.11
N VAL A 267 22.92 -1.85 11.29
CA VAL A 267 23.13 -3.28 11.47
C VAL A 267 21.80 -3.89 11.86
N MET A 268 21.51 -5.05 11.28
CA MET A 268 20.30 -5.77 11.61
C MET A 268 20.44 -6.43 12.97
N ASN A 269 19.31 -6.68 13.61
CA ASN A 269 19.29 -7.31 14.91
C ASN A 269 17.87 -7.77 15.18
N MET A 270 17.65 -8.33 16.36
CA MET A 270 16.37 -8.95 16.67
C MET A 270 15.69 -8.47 17.95
N GLU A 271 16.40 -7.80 18.85
CA GLU A 271 15.78 -7.30 20.07
C GLU A 271 15.10 -5.95 19.89
N GLU A 272 15.59 -5.12 18.97
CA GLU A 272 14.96 -3.83 18.70
C GLU A 272 13.52 -4.02 18.24
N SER A 273 13.30 -4.91 17.28
CA SER A 273 11.94 -5.33 16.98
C SER A 273 11.30 -5.92 18.22
N THR A 274 9.99 -5.80 18.32
CA THR A 274 9.27 -6.40 19.43
C THR A 274 8.87 -7.84 19.15
N ASN A 275 8.60 -8.17 17.89
CA ASN A 275 8.25 -9.53 17.49
C ASN A 275 9.46 -10.46 17.39
N GLY A 276 10.67 -9.96 17.65
CA GLY A 276 11.88 -10.78 17.55
C GLY A 276 12.40 -10.99 16.15
N SER A 277 11.92 -10.23 15.17
CA SER A 277 12.35 -10.36 13.79
C SER A 277 13.72 -9.73 13.58
N LEU A 278 14.42 -10.20 12.57
CA LEU A 278 15.72 -9.64 12.22
C LEU A 278 15.49 -8.49 11.24
N ALA A 279 15.66 -7.26 11.71
CA ALA A 279 15.35 -6.09 10.91
C ALA A 279 16.36 -4.98 11.19
N ALA A 280 16.36 -3.96 10.34
CA ALA A 280 17.20 -2.77 10.51
C ALA A 280 16.40 -1.51 10.18
N GLU A 281 15.88 -0.81 11.21
CA GLU A 281 15.09 0.40 11.01
C GLU A 281 16.02 1.59 10.84
N PHE A 282 16.03 2.18 9.65
CA PHE A 282 16.69 3.47 9.44
C PHE A 282 15.74 4.59 9.87
N ARG A 283 15.79 4.94 11.16
CA ARG A 283 15.17 6.17 11.64
C ARG A 283 16.09 7.35 11.34
N HIS A 284 15.51 8.54 11.39
CA HIS A 284 16.26 9.80 11.28
C HIS A 284 17.13 9.85 10.02
N LEU A 285 16.54 9.51 8.89
CA LEU A 285 17.22 9.63 7.61
C LEU A 285 16.58 10.79 6.86
N GLN A 286 17.40 11.61 6.21
CA GLN A 286 16.88 12.77 5.52
C GLN A 286 17.62 12.96 4.20
N LEU A 287 17.10 13.87 3.40
CA LEU A 287 17.48 13.98 2.00
C LEU A 287 17.66 15.45 1.62
N LYS A 288 18.75 15.75 0.91
CA LYS A 288 19.00 17.09 0.38
C LYS A 288 19.52 16.98 -1.04
N GLU A 289 19.24 18.00 -1.85
CA GLU A 289 19.66 17.98 -3.24
C GLU A 289 21.14 18.36 -3.38
N GLN A 290 21.67 18.13 -4.59
CA GLN A 290 23.06 18.43 -4.88
C GLN A 290 23.26 19.94 -5.03
N LYS A 291 24.52 20.34 -5.20
CA LYS A 291 24.84 21.73 -5.48
C LYS A 291 25.58 21.86 -6.79
N ASN A 292 24.97 21.36 -7.88
CA ASN A 292 25.64 21.34 -9.17
C ASN A 292 25.63 22.71 -9.84
N ALA A 293 24.54 23.47 -9.66
CA ALA A 293 24.39 24.80 -10.25
C ALA A 293 24.54 24.76 -11.77
N THR A 297 18.15 23.81 -12.71
CA THR A 297 17.87 24.97 -13.56
C THR A 297 17.29 24.54 -14.92
N ASN A 298 17.80 23.44 -15.47
CA ASN A 298 17.45 23.01 -16.82
C ASN A 298 16.01 22.53 -16.91
N GLU A 299 15.46 22.57 -18.13
CA GLU A 299 14.11 22.10 -18.40
C GLU A 299 14.07 20.57 -18.43
N GLY A 300 12.87 20.03 -18.25
CA GLY A 300 12.69 18.60 -18.28
C GLY A 300 11.33 18.22 -18.80
N PRO A 301 11.28 17.16 -19.62
CA PRO A 301 9.98 16.64 -20.09
C PRO A 301 9.13 16.07 -18.96
N LEU A 302 9.75 15.81 -17.81
CA LEU A 302 9.10 15.23 -16.65
C LEU A 302 9.09 16.25 -15.52
N ILE A 303 7.89 16.65 -15.07
CA ILE A 303 7.82 17.61 -13.98
C ILE A 303 8.19 16.93 -12.66
N VAL A 304 8.52 17.75 -11.67
CA VAL A 304 9.19 17.28 -10.46
C VAL A 304 8.41 16.15 -9.79
N THR A 305 7.10 16.31 -9.63
CA THR A 305 6.33 15.25 -8.98
C THR A 305 6.24 14.00 -9.86
N GLU A 306 6.31 14.17 -11.19
CA GLU A 306 6.30 13.04 -12.10
C GLU A 306 7.63 12.29 -12.09
N GLU A 307 8.68 12.90 -11.55
CA GLU A 307 10.00 12.30 -11.51
C GLU A 307 10.12 11.36 -10.31
N LEU A 308 10.51 10.13 -10.57
CA LEU A 308 10.63 9.13 -9.52
C LEU A 308 12.09 8.85 -9.22
N HIS A 309 12.36 8.48 -7.99
CA HIS A 309 13.66 7.99 -7.57
C HIS A 309 13.46 6.66 -6.87
N SER A 310 14.56 6.03 -6.50
CA SER A 310 14.49 4.82 -5.72
C SER A 310 15.60 4.82 -4.68
N LEU A 311 15.28 4.24 -3.55
CA LEU A 311 16.21 4.08 -2.44
C LEU A 311 16.54 2.59 -2.37
N SER A 312 17.79 2.24 -2.61
CA SER A 312 18.19 0.84 -2.57
C SER A 312 19.02 0.56 -1.33
N PHE A 313 19.18 -0.73 -1.02
CA PHE A 313 19.90 -1.17 0.17
C PHE A 313 20.72 -2.40 -0.14
N GLU A 314 21.94 -2.45 0.41
CA GLU A 314 22.91 -3.52 0.21
C GLU A 314 23.35 -4.08 1.55
N THR A 315 23.42 -5.40 1.66
CA THR A 315 24.16 -6.02 2.75
C THR A 315 24.90 -7.25 2.20
N GLN A 316 25.61 -7.94 3.09
CA GLN A 316 26.45 -9.07 2.69
C GLN A 316 26.61 -10.05 3.83
N LEU A 317 26.54 -11.35 3.49
CA LEU A 317 26.67 -12.43 4.47
C LEU A 317 28.04 -13.07 4.28
N CYS A 318 28.99 -12.69 5.14
CA CYS A 318 30.31 -13.32 5.21
C CYS A 318 30.27 -14.35 6.33
N GLN A 319 30.25 -15.63 5.96
CA GLN A 319 30.34 -16.73 6.92
C GLN A 319 31.55 -17.61 6.53
N PRO A 320 31.93 -18.65 7.33
CA PRO A 320 33.06 -19.49 6.92
C PRO A 320 32.92 -20.07 5.51
N GLY A 321 33.73 -19.57 4.56
CA GLY A 321 33.81 -20.10 3.22
C GLY A 321 32.84 -19.54 2.20
N LEU A 322 31.71 -18.97 2.64
CA LEU A 322 30.67 -18.49 1.73
C LEU A 322 30.42 -16.99 1.91
N VAL A 323 29.98 -16.37 0.81
CA VAL A 323 29.72 -14.94 0.68
C VAL A 323 28.44 -14.77 -0.13
N ILE A 324 27.45 -14.08 0.42
CA ILE A 324 26.20 -13.79 -0.28
C ILE A 324 25.96 -12.29 -0.28
N ASP A 325 25.69 -11.75 -1.45
CA ASP A 325 25.36 -10.36 -1.68
C ASP A 325 23.84 -10.17 -1.73
N LEU A 326 23.34 -9.25 -0.90
CA LEU A 326 21.92 -8.98 -0.80
C LEU A 326 21.68 -7.56 -1.27
N GLU A 327 20.63 -7.36 -2.07
CA GLU A 327 20.31 -6.04 -2.58
C GLU A 327 18.81 -5.98 -2.82
N THR A 328 18.13 -5.16 -2.02
CA THR A 328 16.71 -4.87 -2.20
C THR A 328 16.53 -3.40 -2.53
N THR A 329 15.32 -3.05 -2.94
CA THR A 329 15.02 -1.67 -3.27
C THR A 329 13.61 -1.34 -2.80
N SER A 330 13.44 -0.12 -2.29
CA SER A 330 12.11 0.35 -1.96
C SER A 330 11.33 0.67 -3.21
N LEU A 331 10.03 0.84 -3.04
CA LEU A 331 9.19 1.38 -4.10
C LEU A 331 9.69 2.77 -4.46
N PRO A 332 9.50 3.19 -5.71
CA PRO A 332 10.04 4.49 -6.11
C PRO A 332 9.42 5.60 -5.27
N VAL A 333 10.22 6.61 -4.97
CA VAL A 333 9.76 7.73 -4.18
C VAL A 333 9.77 9.01 -5.00
N VAL A 334 8.89 9.96 -4.62
CA VAL A 334 8.85 11.31 -5.17
C VAL A 334 9.43 12.23 -4.12
N VAL A 335 10.29 13.16 -4.55
CA VAL A 335 10.85 14.15 -3.63
C VAL A 335 10.35 15.52 -4.04
N ILE A 336 9.97 16.31 -3.05
CA ILE A 336 9.30 17.58 -3.28
C ILE A 336 10.01 18.67 -2.47
N SER A 337 9.84 19.91 -2.92
CA SER A 337 10.57 21.02 -2.30
C SER A 337 9.84 21.52 -1.06
N ASN A 338 8.51 21.73 -1.16
CA ASN A 338 7.68 22.15 -0.03
C ASN A 338 6.31 21.49 -0.10
N VAL A 339 5.64 21.46 1.06
CA VAL A 339 4.35 20.82 1.34
C VAL A 339 3.25 21.14 0.32
N SER A 340 3.35 22.28 -0.36
CA SER A 340 2.49 22.51 -1.52
C SER A 340 2.48 21.30 -2.47
N GLN A 341 3.63 20.68 -2.68
CA GLN A 341 3.68 19.58 -3.66
C GLN A 341 3.20 18.25 -3.10
N LEU A 342 2.68 18.22 -1.86
CA LEU A 342 2.28 16.95 -1.28
C LEU A 342 1.12 16.31 -2.02
N PRO A 343 0.01 17.02 -2.32
CA PRO A 343 -1.10 16.34 -3.02
C PRO A 343 -0.79 16.01 -4.47
N SER A 344 -0.04 16.87 -5.15
CA SER A 344 0.35 16.60 -6.52
C SER A 344 1.24 15.35 -6.60
N GLY A 345 2.26 15.28 -5.73
CA GLY A 345 3.12 14.11 -5.66
C GLY A 345 2.36 12.83 -5.39
N TRP A 346 1.47 12.86 -4.38
CA TRP A 346 0.73 11.65 -4.03
C TRP A 346 -0.10 11.13 -5.19
N ALA A 347 -0.48 11.98 -6.16
CA ALA A 347 -1.19 11.43 -7.32
C ALA A 347 -0.29 10.48 -8.10
N SER A 348 0.99 10.84 -8.21
CA SER A 348 1.95 10.03 -8.94
C SER A 348 2.19 8.68 -8.27
N ILE A 349 2.42 8.69 -6.96
CA ILE A 349 2.47 7.46 -6.18
C ILE A 349 1.27 6.56 -6.50
N LEU A 350 0.05 7.11 -6.35
CA LEU A 350 -1.17 6.36 -6.62
C LEU A 350 -1.18 5.77 -8.02
N TRP A 351 -0.83 6.58 -9.02
CA TRP A 351 -0.84 6.09 -10.41
C TRP A 351 0.17 4.99 -10.60
N TYR A 352 1.27 5.07 -9.86
CA TYR A 352 2.31 4.06 -9.91
C TYR A 352 1.76 2.75 -9.37
N ASN A 353 1.55 2.66 -8.06
CA ASN A 353 1.16 1.39 -7.44
C ASN A 353 -0.24 0.93 -7.80
N MET A 354 -0.99 1.73 -8.57
CA MET A 354 -2.24 1.27 -9.13
C MET A 354 -2.01 0.38 -10.32
N LEU A 355 -1.01 0.74 -11.12
CA LEU A 355 -0.79 0.15 -12.43
C LEU A 355 0.46 -0.72 -12.43
N VAL A 356 1.64 -0.13 -12.28
CA VAL A 356 2.90 -0.86 -12.29
C VAL A 356 3.04 -1.73 -11.03
N ALA A 357 3.70 -2.89 -11.16
CA ALA A 357 4.07 -3.71 -10.01
C ALA A 357 5.58 -3.85 -9.83
N GLU A 358 6.40 -3.32 -10.77
CA GLU A 358 7.86 -3.32 -10.96
C GLU A 358 8.42 -1.91 -10.75
N PRO A 359 9.62 -1.76 -10.12
CA PRO A 359 10.18 -0.41 -9.92
C PRO A 359 10.79 0.27 -11.16
N ARG A 360 9.95 0.65 -12.15
CA ARG A 360 10.41 1.36 -13.35
C ARG A 360 10.37 2.86 -13.14
N ASN A 361 11.54 3.49 -13.11
CA ASN A 361 11.53 4.90 -12.76
C ASN A 361 11.14 5.81 -13.91
N LEU A 362 10.72 5.28 -15.05
CA LEU A 362 10.26 6.13 -16.14
C LEU A 362 8.78 5.90 -16.45
N SER A 363 7.99 5.51 -15.46
CA SER A 363 6.66 4.99 -15.77
C SER A 363 5.80 6.10 -16.37
N PHE A 364 5.99 7.33 -15.91
CA PHE A 364 5.41 8.45 -16.61
C PHE A 364 6.14 8.69 -17.93
N PHE A 365 7.42 9.05 -17.87
CA PHE A 365 8.12 9.58 -19.04
C PHE A 365 7.16 10.53 -19.73
N LEU A 366 6.83 10.25 -20.98
CA LEU A 366 5.53 10.70 -21.50
C LEU A 366 4.83 9.52 -22.12
N THR A 367 4.99 8.35 -21.51
CA THR A 367 4.15 7.19 -21.75
C THR A 367 3.57 6.76 -20.41
N PRO A 368 2.62 7.53 -19.88
CA PRO A 368 1.86 7.07 -18.74
C PRO A 368 0.64 6.30 -19.22
N PRO A 369 0.40 5.10 -18.69
CA PRO A 369 -0.80 4.35 -19.09
C PRO A 369 -2.06 5.02 -18.54
N CYS A 370 -3.12 4.99 -19.32
CA CYS A 370 -4.41 5.36 -18.77
C CYS A 370 -4.86 4.28 -17.78
N ALA A 371 -5.32 4.70 -16.60
CA ALA A 371 -5.95 3.78 -15.66
C ALA A 371 -7.35 3.43 -16.15
N ARG A 372 -7.99 2.51 -15.46
CA ARG A 372 -9.33 2.08 -15.85
C ARG A 372 -10.27 2.11 -14.66
N TRP A 373 -11.52 2.51 -14.94
CA TRP A 373 -12.39 2.97 -13.86
C TRP A 373 -12.54 1.89 -12.79
N ALA A 374 -12.56 0.62 -13.21
CA ALA A 374 -12.80 -0.46 -12.24
C ALA A 374 -11.74 -0.50 -11.16
N GLN A 375 -10.63 0.21 -11.36
CA GLN A 375 -9.59 0.27 -10.36
C GLN A 375 -9.55 1.62 -9.66
N LEU A 376 -9.34 2.73 -10.39
CA LEU A 376 -9.55 4.07 -9.83
C LEU A 376 -10.78 4.11 -8.93
N SER A 377 -11.88 3.50 -9.37
CA SER A 377 -13.17 3.56 -8.67
C SER A 377 -13.02 3.23 -7.19
N GLU A 378 -12.30 2.15 -6.89
CA GLU A 378 -12.17 1.80 -5.49
C GLU A 378 -10.88 2.32 -4.86
N VAL A 379 -9.88 2.71 -5.66
CA VAL A 379 -8.77 3.36 -4.97
C VAL A 379 -9.17 4.78 -4.58
N LEU A 380 -10.06 5.42 -5.34
CA LEU A 380 -10.68 6.65 -4.82
C LEU A 380 -11.41 6.37 -3.51
N SER A 381 -12.26 5.32 -3.50
CA SER A 381 -12.96 4.92 -2.27
C SER A 381 -11.99 4.65 -1.11
N TRP A 382 -10.76 4.22 -1.42
CA TRP A 382 -9.74 4.00 -0.40
C TRP A 382 -9.24 5.29 0.20
N GLN A 383 -9.02 6.31 -0.64
CA GLN A 383 -8.51 7.59 -0.14
C GLN A 383 -9.40 8.15 0.95
N PHE A 384 -10.67 7.79 0.94
CA PHE A 384 -11.59 8.30 1.96
C PHE A 384 -11.62 7.39 3.18
N SER A 385 -11.71 6.06 3.00
CA SER A 385 -11.76 5.17 4.15
C SER A 385 -10.46 5.14 4.93
N SER A 386 -9.38 5.56 4.29
CA SER A 386 -8.10 5.64 4.98
C SER A 386 -8.04 6.91 5.78
N VAL A 387 -8.44 8.02 5.16
CA VAL A 387 -8.52 9.30 5.84
C VAL A 387 -9.65 9.28 6.88
N THR A 388 -10.88 9.01 6.43
CA THR A 388 -12.06 9.00 7.28
C THR A 388 -12.37 7.57 7.75
N LYS A 389 -13.64 7.36 8.16
CA LYS A 389 -14.20 6.06 8.52
C LYS A 389 -15.24 5.61 7.51
N ARG A 390 -15.26 6.21 6.33
CA ARG A 390 -16.32 5.94 5.37
C ARG A 390 -15.76 6.16 3.98
N GLY A 391 -16.11 5.25 3.06
CA GLY A 391 -15.62 5.29 1.72
C GLY A 391 -16.64 5.88 0.78
N LEU A 392 -16.28 5.88 -0.50
CA LEU A 392 -17.23 6.31 -1.51
C LEU A 392 -18.22 5.18 -1.79
N ASN A 393 -19.46 5.55 -2.02
CA ASN A 393 -20.47 4.56 -2.31
C ASN A 393 -20.71 4.52 -3.81
N VAL A 394 -21.58 3.60 -4.24
CA VAL A 394 -21.81 3.47 -5.69
C VAL A 394 -22.34 4.78 -6.26
N ASP A 395 -23.30 5.43 -5.57
CA ASP A 395 -23.88 6.66 -6.10
C ASP A 395 -22.85 7.78 -6.22
N GLN A 396 -21.99 7.91 -5.22
CA GLN A 396 -20.88 8.85 -5.34
C GLN A 396 -19.91 8.43 -6.44
N LEU A 397 -19.74 7.13 -6.67
CA LEU A 397 -18.77 6.73 -7.67
C LEU A 397 -19.30 6.98 -9.06
N ASN A 398 -20.59 6.70 -9.29
CA ASN A 398 -21.19 7.06 -10.57
C ASN A 398 -21.00 8.54 -10.87
N MET A 399 -21.24 9.39 -9.88
CA MET A 399 -20.99 10.80 -10.09
C MET A 399 -19.59 11.01 -10.64
N LEU A 400 -18.57 10.54 -9.90
CA LEU A 400 -17.21 10.85 -10.29
C LEU A 400 -16.89 10.18 -11.61
N GLY A 401 -17.33 8.93 -11.76
CA GLY A 401 -17.19 8.26 -13.04
C GLY A 401 -17.62 9.17 -14.16
N GLU A 402 -18.87 9.64 -14.12
CA GLU A 402 -19.37 10.47 -15.21
C GLU A 402 -18.51 11.71 -15.40
N LYS A 403 -17.98 12.29 -14.31
CA LYS A 403 -17.23 13.51 -14.48
C LYS A 403 -15.98 13.28 -15.30
N LEU A 404 -15.37 12.10 -15.16
CA LEU A 404 -14.11 11.73 -15.80
C LEU A 404 -14.33 11.07 -17.16
N LEU A 405 -15.29 10.16 -17.24
CA LEU A 405 -15.56 9.39 -18.45
C LEU A 405 -16.73 9.99 -19.23
N GLY A 406 -17.93 9.90 -18.66
CA GLY A 406 -19.11 10.50 -19.24
C GLY A 406 -20.34 9.70 -18.89
N PRO A 407 -21.33 9.72 -19.78
CA PRO A 407 -22.58 8.95 -19.52
C PRO A 407 -22.36 7.45 -19.34
N ASN A 408 -21.49 6.83 -20.14
CA ASN A 408 -21.23 5.40 -20.06
C ASN A 408 -20.38 5.10 -18.82
N ALA A 409 -20.99 4.49 -17.82
CA ALA A 409 -20.32 4.20 -16.55
C ALA A 409 -19.57 2.88 -16.61
N SER A 410 -18.81 2.68 -17.69
CA SER A 410 -18.25 1.35 -17.95
C SER A 410 -17.03 1.09 -17.07
N PRO A 411 -16.94 -0.08 -16.43
CA PRO A 411 -15.70 -0.47 -15.74
C PRO A 411 -14.48 -0.43 -16.62
N ASP A 412 -14.60 -0.80 -17.90
CA ASP A 412 -13.48 -0.75 -18.82
C ASP A 412 -13.03 0.67 -19.12
N GLY A 413 -13.66 1.70 -18.55
CA GLY A 413 -13.38 3.07 -18.93
C GLY A 413 -11.94 3.51 -18.73
N LEU A 414 -11.36 4.12 -19.75
CA LEU A 414 -9.96 4.50 -19.69
C LEU A 414 -9.83 5.94 -19.21
N ILE A 415 -9.06 6.13 -18.14
CA ILE A 415 -8.89 7.40 -17.45
C ILE A 415 -7.43 7.82 -17.62
N PRO A 416 -7.13 8.76 -18.51
CA PRO A 416 -5.74 9.16 -18.70
C PRO A 416 -5.20 9.86 -17.47
N TRP A 417 -3.87 9.77 -17.32
CA TRP A 417 -3.19 10.47 -16.22
C TRP A 417 -3.30 11.98 -16.36
N THR A 418 -3.36 12.49 -17.58
CA THR A 418 -3.48 13.93 -17.78
C THR A 418 -4.81 14.43 -17.27
N ARG A 419 -5.90 13.68 -17.51
CA ARG A 419 -7.21 14.05 -17.00
C ARG A 419 -7.34 13.85 -15.50
N PHE A 420 -6.37 13.20 -14.85
CA PHE A 420 -6.41 13.02 -13.41
C PHE A 420 -5.66 14.11 -12.62
N CYS A 421 -4.38 14.46 -12.97
CA CYS A 421 -3.64 15.49 -12.25
C CYS A 421 -3.05 16.59 -13.12
N LYS A 422 -3.12 16.50 -14.45
CA LYS A 422 -2.42 17.45 -15.32
C LYS A 422 -3.36 18.47 -15.95
N GLU A 423 -4.34 18.02 -16.71
CA GLU A 423 -5.23 18.94 -17.38
C GLU A 423 -6.48 19.18 -16.56
N ASN A 424 -7.00 20.39 -16.67
CA ASN A 424 -8.10 20.77 -15.81
C ASN A 424 -9.38 20.08 -16.26
N ILE A 425 -10.16 19.62 -15.29
CA ILE A 425 -11.29 18.73 -15.54
C ILE A 425 -12.35 19.48 -16.34
N ASN A 426 -12.75 18.91 -17.48
CA ASN A 426 -13.90 19.38 -18.25
C ASN A 426 -13.83 20.87 -18.60
N ASP A 427 -14.83 21.63 -18.19
CA ASP A 427 -14.86 23.08 -18.35
C ASP A 427 -14.52 23.80 -17.04
N LYS A 428 -13.41 23.42 -16.41
CA LYS A 428 -12.96 24.01 -15.15
C LYS A 428 -11.52 24.51 -15.28
N ASN A 429 -11.06 25.21 -14.23
CA ASN A 429 -9.70 25.74 -14.20
C ASN A 429 -8.84 25.06 -13.14
N PHE A 430 -9.16 23.82 -12.77
CA PHE A 430 -8.37 23.07 -11.81
C PHE A 430 -8.40 21.59 -12.16
N PRO A 431 -7.32 20.85 -11.88
CA PRO A 431 -7.30 19.40 -12.14
C PRO A 431 -8.21 18.61 -11.20
N PHE A 432 -8.57 17.41 -11.67
CA PHE A 432 -9.46 16.50 -10.93
C PHE A 432 -8.93 16.20 -9.53
N TRP A 433 -7.76 15.57 -9.42
CA TRP A 433 -7.31 14.99 -8.16
C TRP A 433 -7.27 16.05 -7.06
N LEU A 434 -6.61 17.18 -7.34
CA LEU A 434 -6.52 18.25 -6.35
C LEU A 434 -7.91 18.73 -5.93
N TRP A 435 -8.91 18.64 -6.83
CA TRP A 435 -10.28 18.96 -6.44
C TRP A 435 -10.76 18.04 -5.32
N ILE A 436 -10.39 16.76 -5.35
CA ILE A 436 -10.84 15.83 -4.31
C ILE A 436 -9.91 15.83 -3.10
N GLU A 437 -8.61 16.10 -3.29
CA GLU A 437 -7.74 16.29 -2.14
C GLU A 437 -8.29 17.37 -1.22
N SER A 438 -8.64 18.53 -1.79
CA SER A 438 -9.14 19.58 -0.92
C SER A 438 -10.53 19.30 -0.40
N ILE A 439 -11.30 18.42 -1.07
CA ILE A 439 -12.55 18.01 -0.44
C ILE A 439 -12.26 17.14 0.77
N LEU A 440 -11.35 16.17 0.59
CA LEU A 440 -10.84 15.37 1.69
C LEU A 440 -10.32 16.25 2.81
N GLU A 441 -9.42 17.18 2.48
CA GLU A 441 -8.95 18.16 3.45
C GLU A 441 -10.11 18.68 4.29
N LEU A 442 -11.09 19.28 3.61
CA LEU A 442 -12.24 19.82 4.30
C LEU A 442 -12.94 18.78 5.16
N ILE A 443 -13.15 17.57 4.63
CA ILE A 443 -13.87 16.60 5.43
C ILE A 443 -13.06 16.24 6.68
N LYS A 444 -11.77 16.01 6.49
CA LYS A 444 -10.90 15.69 7.61
C LYS A 444 -10.98 16.78 8.67
N LYS A 445 -10.94 18.05 8.26
CA LYS A 445 -10.72 19.17 9.17
C LYS A 445 -11.99 19.82 9.69
N HIS A 446 -13.15 19.55 9.08
CA HIS A 446 -14.41 20.24 9.40
C HIS A 446 -15.63 19.35 9.30
N LEU A 447 -15.62 18.34 8.44
CA LEU A 447 -16.83 17.60 8.14
C LEU A 447 -16.75 16.16 8.58
N LEU A 448 -15.82 15.81 9.48
CA LEU A 448 -15.55 14.39 9.73
C LEU A 448 -16.78 13.69 10.30
N PRO A 449 -17.33 14.10 11.44
CA PRO A 449 -18.45 13.33 12.01
C PRO A 449 -19.71 13.39 11.16
N LEU A 450 -19.95 14.50 10.46
CA LEU A 450 -21.03 14.53 9.48
C LEU A 450 -20.80 13.49 8.40
N TRP A 451 -19.65 13.57 7.73
CA TRP A 451 -19.29 12.62 6.67
C TRP A 451 -19.25 11.19 7.21
N ASN A 452 -18.68 11.00 8.39
CA ASN A 452 -18.55 9.62 8.86
C ASN A 452 -19.88 9.01 9.24
N ASP A 453 -20.86 9.82 9.62
CA ASP A 453 -22.19 9.31 9.88
C ASP A 453 -23.06 9.23 8.63
N GLY A 454 -22.54 9.64 7.47
CA GLY A 454 -23.22 9.48 6.21
C GLY A 454 -24.31 10.49 5.98
N CYS A 455 -24.25 11.62 6.67
CA CYS A 455 -25.20 12.71 6.50
C CYS A 455 -24.92 13.50 5.22
N ILE A 456 -23.74 13.33 4.62
CA ILE A 456 -23.32 14.11 3.47
C ILE A 456 -23.46 13.27 2.23
N MET A 457 -24.36 13.68 1.36
CA MET A 457 -24.50 13.13 0.02
C MET A 457 -23.64 13.91 -0.97
N GLY A 458 -22.39 14.14 -0.60
CA GLY A 458 -21.60 15.18 -1.22
C GLY A 458 -21.34 15.00 -2.70
N PHE A 459 -21.38 13.76 -3.19
CA PHE A 459 -21.00 13.53 -4.58
C PHE A 459 -22.28 13.29 -5.36
N ILE A 460 -22.69 14.32 -6.12
CA ILE A 460 -23.98 14.36 -6.78
C ILE A 460 -24.00 15.51 -7.79
N SER A 461 -24.23 15.19 -9.06
CA SER A 461 -24.36 16.24 -10.05
C SER A 461 -25.62 17.06 -9.79
N LYS A 462 -25.60 18.30 -10.30
CA LYS A 462 -26.78 19.15 -10.17
C LYS A 462 -28.00 18.49 -10.79
N GLU A 463 -27.81 17.69 -11.84
CA GLU A 463 -28.95 17.07 -12.50
C GLU A 463 -29.66 16.08 -11.57
N ARG A 464 -28.90 15.23 -10.88
CA ARG A 464 -29.55 14.26 -10.00
C ARG A 464 -30.06 14.95 -8.76
N GLU A 465 -29.21 15.77 -8.16
CA GLU A 465 -29.61 16.68 -7.10
C GLU A 465 -31.06 17.20 -7.24
N ARG A 466 -31.38 17.78 -8.40
CA ARG A 466 -32.74 18.26 -8.58
C ARG A 466 -33.72 17.11 -8.54
N ALA A 467 -33.50 16.11 -9.40
CA ALA A 467 -34.45 15.01 -9.57
C ALA A 467 -34.70 14.22 -8.29
N LEU A 468 -33.85 14.34 -7.28
CA LEU A 468 -34.14 13.66 -6.02
C LEU A 468 -35.09 14.45 -5.13
N LEU A 469 -34.99 15.77 -5.14
CA LEU A 469 -35.86 16.60 -4.31
C LEU A 469 -37.18 16.94 -4.97
N LYS A 470 -37.30 16.73 -6.30
CA LYS A 470 -38.44 17.28 -7.03
C LYS A 470 -39.75 16.84 -6.42
N ASP A 471 -39.87 15.57 -6.07
CA ASP A 471 -41.08 15.05 -5.44
C ASP A 471 -40.99 14.99 -3.92
N GLN A 472 -40.27 15.93 -3.32
CA GLN A 472 -40.00 15.90 -1.89
C GLN A 472 -40.64 17.11 -1.22
N GLN A 473 -40.86 17.00 0.09
CA GLN A 473 -41.41 18.13 0.85
C GLN A 473 -40.57 19.39 0.64
N PRO A 474 -41.18 20.59 0.66
CA PRO A 474 -40.38 21.80 0.42
C PRO A 474 -39.42 22.14 1.56
N GLY A 475 -39.58 21.55 2.75
CA GLY A 475 -38.52 21.76 3.75
C GLY A 475 -37.18 21.07 3.50
N THR A 476 -37.09 20.17 2.51
CA THR A 476 -36.01 19.20 2.39
C THR A 476 -34.80 19.76 1.63
N PHE A 477 -33.60 19.36 2.05
CA PHE A 477 -32.35 19.80 1.39
C PHE A 477 -31.36 18.64 1.35
N LEU A 478 -30.15 18.92 0.88
CA LEU A 478 -29.06 17.95 0.90
C LEU A 478 -27.74 18.67 0.80
N LEU A 479 -26.70 18.13 1.43
CA LEU A 479 -25.38 18.74 1.38
C LEU A 479 -24.56 18.08 0.28
N ARG A 480 -24.00 18.91 -0.60
CA ARG A 480 -23.20 18.45 -1.72
C ARG A 480 -21.93 19.28 -1.79
N PHE A 481 -20.88 18.65 -2.31
CA PHE A 481 -19.63 19.35 -2.56
C PHE A 481 -19.72 20.14 -3.86
N SER A 482 -19.14 21.34 -3.84
CA SER A 482 -19.09 22.15 -5.05
C SER A 482 -18.04 21.58 -6.01
N GLU A 483 -18.41 21.46 -7.29
CA GLU A 483 -17.49 21.02 -8.33
C GLU A 483 -16.72 22.16 -8.96
N SER A 484 -16.90 23.38 -8.50
CA SER A 484 -16.17 24.52 -9.05
C SER A 484 -15.27 25.23 -8.04
N SER A 485 -15.25 24.77 -6.78
CA SER A 485 -14.40 25.36 -5.74
C SER A 485 -13.04 24.66 -5.76
N ARG A 486 -12.01 25.37 -6.23
CA ARG A 486 -10.66 24.84 -6.14
C ARG A 486 -10.26 24.63 -4.68
N GLU A 487 -10.52 25.60 -3.80
CA GLU A 487 -10.16 25.46 -2.38
C GLU A 487 -10.99 24.39 -1.66
N GLY A 488 -12.10 23.93 -2.24
CA GLY A 488 -12.82 22.81 -1.67
C GLY A 488 -13.89 23.20 -0.67
N ALA A 489 -15.16 23.27 -1.10
CA ALA A 489 -16.25 23.84 -0.32
C ALA A 489 -17.45 22.89 -0.27
N ILE A 490 -18.33 23.09 0.73
CA ILE A 490 -19.60 22.35 0.83
C ILE A 490 -20.79 23.32 0.78
N THR A 491 -21.92 22.82 0.29
CA THR A 491 -23.13 23.64 0.24
C THR A 491 -24.37 22.77 0.39
N PHE A 492 -25.45 23.41 0.82
CA PHE A 492 -26.76 22.76 0.86
C PHE A 492 -27.60 23.21 -0.33
N THR A 493 -28.46 22.30 -0.79
CA THR A 493 -29.47 22.59 -1.80
C THR A 493 -30.81 22.10 -1.27
N TRP A 494 -31.82 22.99 -1.30
CA TRP A 494 -33.21 22.77 -0.89
C TRP A 494 -34.17 23.11 -2.03
N VAL A 495 -35.41 22.64 -1.90
CA VAL A 495 -36.44 22.85 -2.92
C VAL A 495 -37.61 23.61 -2.32
N GLU A 496 -38.16 24.56 -3.07
CA GLU A 496 -39.36 25.30 -2.71
C GLU A 496 -40.40 25.09 -3.81
N ARG A 497 -41.68 25.31 -3.47
CA ARG A 497 -42.75 25.19 -4.45
C ARG A 497 -42.79 26.46 -5.31
N SER A 498 -43.29 26.33 -6.53
CA SER A 498 -43.11 27.38 -7.54
C SER A 498 -44.38 27.57 -8.38
N GLN A 499 -45.35 28.37 -7.87
CA GLN A 499 -46.66 28.54 -8.51
C GLN A 499 -47.13 27.15 -8.92
N ASN A 500 -46.83 26.80 -10.17
CA ASN A 500 -47.17 25.48 -10.72
C ASN A 500 -46.54 24.38 -9.87
N GLY A 501 -47.33 23.34 -9.58
CA GLY A 501 -46.88 22.31 -8.67
C GLY A 501 -45.60 21.65 -9.15
N GLY A 502 -45.59 21.16 -10.39
CA GLY A 502 -44.39 20.59 -10.96
C GLY A 502 -43.38 21.68 -11.32
N GLU A 503 -42.20 21.22 -11.73
CA GLU A 503 -41.03 22.06 -11.99
C GLU A 503 -40.83 23.08 -10.86
N PRO A 504 -40.52 22.61 -9.62
CA PRO A 504 -40.40 23.53 -8.48
C PRO A 504 -39.14 24.37 -8.52
N ASP A 505 -38.80 24.98 -7.39
CA ASP A 505 -37.70 25.92 -7.30
C ASP A 505 -36.52 25.32 -6.54
N PHE A 506 -35.34 25.40 -7.14
CA PHE A 506 -34.14 24.75 -6.61
C PHE A 506 -33.14 25.80 -6.20
N HIS A 507 -32.78 25.81 -4.92
CA HIS A 507 -31.84 26.81 -4.43
C HIS A 507 -30.61 26.17 -3.78
N ALA A 508 -29.43 26.71 -4.10
CA ALA A 508 -28.19 26.41 -3.40
C ALA A 508 -27.49 27.70 -3.00
N VAL A 509 -26.93 27.69 -1.79
CA VAL A 509 -26.17 28.83 -1.30
C VAL A 509 -24.74 28.73 -1.82
N GLU A 510 -24.06 29.87 -1.88
CA GLU A 510 -22.66 29.85 -2.21
C GLU A 510 -21.94 28.92 -1.23
N PRO A 511 -21.17 27.95 -1.73
CA PRO A 511 -20.65 26.89 -0.84
C PRO A 511 -19.58 27.39 0.09
N TYR A 512 -19.52 26.77 1.27
CA TYR A 512 -18.63 27.21 2.33
C TYR A 512 -17.26 26.52 2.26
N THR A 513 -16.21 27.35 2.14
CA THR A 513 -14.83 26.95 2.28
C THR A 513 -14.46 26.84 3.75
N LYS A 514 -13.21 26.39 4.01
CA LYS A 514 -12.73 26.24 5.39
C LYS A 514 -12.68 27.58 6.10
N LYS A 515 -12.40 28.66 5.36
CA LYS A 515 -12.44 30.00 5.97
C LYS A 515 -13.68 30.21 6.80
N GLU A 516 -14.83 29.77 6.28
CA GLU A 516 -16.10 29.99 6.98
C GLU A 516 -16.33 28.97 8.08
N LEU A 517 -16.04 27.69 7.82
CA LEU A 517 -16.33 26.67 8.82
C LEU A 517 -15.37 26.71 9.99
N SER A 518 -14.23 27.37 9.84
CA SER A 518 -13.37 27.66 10.99
C SER A 518 -14.10 28.55 11.99
N ALA A 519 -14.86 29.52 11.47
CA ALA A 519 -15.57 30.49 12.30
C ALA A 519 -16.77 29.86 13.01
N VAL A 520 -17.50 29.00 12.30
CA VAL A 520 -18.66 28.30 12.86
C VAL A 520 -18.88 27.01 12.07
N THR A 521 -19.11 25.92 12.80
CA THR A 521 -19.26 24.60 12.20
C THR A 521 -20.46 24.52 11.25
N PHE A 522 -20.34 23.64 10.24
CA PHE A 522 -21.46 23.45 9.33
C PHE A 522 -22.77 23.09 10.04
N PRO A 523 -22.80 22.20 11.04
CA PRO A 523 -24.08 21.98 11.72
C PRO A 523 -24.64 23.22 12.38
N ASP A 524 -23.78 24.08 12.94
CA ASP A 524 -24.27 25.36 13.42
C ASP A 524 -24.77 26.20 12.26
N ILE A 525 -24.01 26.27 11.17
CA ILE A 525 -24.47 27.08 10.04
C ILE A 525 -25.87 26.63 9.61
N ILE A 526 -26.06 25.31 9.51
CA ILE A 526 -27.32 24.80 8.98
C ILE A 526 -28.48 25.18 9.91
N ARG A 527 -28.29 25.07 11.22
CA ARG A 527 -29.43 25.27 12.11
C ARG A 527 -29.87 26.74 12.15
N ASN A 528 -28.93 27.67 12.17
CA ASN A 528 -29.30 29.05 12.31
C ASN A 528 -29.27 29.80 10.99
N TYR A 529 -29.12 29.08 9.89
CA TYR A 529 -29.22 29.72 8.58
C TYR A 529 -30.53 30.50 8.51
N LYS A 530 -30.45 31.70 7.94
CA LYS A 530 -31.63 32.54 7.76
C LYS A 530 -31.61 33.14 6.36
N VAL A 531 -32.76 33.06 5.68
CA VAL A 531 -33.02 33.92 4.53
C VAL A 531 -33.77 35.13 5.03
N MET A 532 -33.22 36.31 4.77
CA MET A 532 -33.83 37.52 5.26
C MET A 532 -34.04 38.48 4.09
N ALA A 533 -34.81 39.53 4.35
CA ALA A 533 -35.11 40.52 3.33
C ALA A 533 -35.66 41.74 4.03
N ALA A 534 -35.45 42.89 3.38
CA ALA A 534 -35.83 44.20 3.93
C ALA A 534 -37.26 44.20 4.41
N GLU A 535 -37.44 44.45 5.70
CA GLU A 535 -38.76 44.59 6.31
C GLU A 535 -39.57 43.30 6.23
N ASN A 536 -38.91 42.16 6.43
CA ASN A 536 -39.62 40.89 6.47
C ASN A 536 -39.07 39.98 7.57
N ILE A 537 -39.88 39.00 7.97
CA ILE A 537 -39.45 37.99 8.96
C ILE A 537 -38.39 37.08 8.34
N PRO A 538 -37.27 36.82 9.02
CA PRO A 538 -36.39 35.74 8.60
C PRO A 538 -36.96 34.36 8.91
N GLU A 539 -36.59 33.40 8.08
CA GLU A 539 -36.94 32.01 8.30
C GLU A 539 -35.86 31.10 7.75
N ASN A 540 -35.71 29.94 8.38
CA ASN A 540 -34.74 28.96 7.93
C ASN A 540 -35.35 28.12 6.83
N PRO A 541 -34.90 28.22 5.58
CA PRO A 541 -35.44 27.33 4.52
C PRO A 541 -35.28 25.85 4.84
N LEU A 542 -34.18 25.50 5.49
CA LEU A 542 -33.81 24.11 5.70
C LEU A 542 -34.68 23.51 6.80
N LYS A 543 -35.56 22.56 6.43
CA LYS A 543 -36.41 21.89 7.42
C LYS A 543 -36.18 20.38 7.54
N TYR A 544 -35.91 19.66 6.45
CA TYR A 544 -35.70 18.22 6.52
C TYR A 544 -34.52 17.81 5.65
N LEU A 545 -33.68 16.89 6.13
CA LEU A 545 -32.66 16.39 5.21
C LEU A 545 -33.23 15.23 4.41
N TYR A 546 -32.67 15.01 3.21
CA TYR A 546 -33.29 14.37 2.05
C TYR A 546 -34.33 13.29 2.36
N PRO A 547 -34.01 12.23 3.14
CA PRO A 547 -35.01 11.16 3.35
C PRO A 547 -36.16 11.56 4.29
N ASN A 548 -36.56 12.83 4.27
CA ASN A 548 -37.55 13.39 5.20
C ASN A 548 -37.16 13.14 6.66
N ILE A 549 -36.12 13.87 7.07
CA ILE A 549 -35.62 13.82 8.45
C ILE A 549 -35.49 15.25 8.97
N ASP A 550 -36.09 15.51 10.14
CA ASP A 550 -36.17 16.87 10.68
C ASP A 550 -34.79 17.42 11.03
N LYS A 551 -34.57 18.68 10.63
CA LYS A 551 -33.28 19.34 10.83
C LYS A 551 -32.70 19.10 12.22
N ASP A 552 -33.41 19.54 13.27
CA ASP A 552 -32.89 19.34 14.62
C ASP A 552 -32.81 17.86 15.00
N HIS A 553 -33.64 17.01 14.41
CA HIS A 553 -33.47 15.60 14.72
C HIS A 553 -32.30 14.99 13.94
N ALA A 554 -31.94 15.59 12.80
CA ALA A 554 -30.81 15.12 12.03
C ALA A 554 -29.48 15.63 12.60
N PHE A 555 -29.34 16.96 12.74
CA PHE A 555 -28.06 17.56 13.11
C PHE A 555 -27.97 17.90 14.59
N GLY A 556 -28.79 17.24 15.41
CA GLY A 556 -28.76 17.50 16.85
C GLY A 556 -27.39 17.32 17.46
N LYS A 557 -26.82 16.12 17.35
CA LYS A 557 -25.58 15.83 18.08
C LYS A 557 -24.40 16.65 17.58
N TYR A 558 -24.50 17.28 16.42
CA TYR A 558 -23.37 17.98 15.82
C TYR A 558 -23.36 19.47 16.13
N TYR A 559 -24.43 19.98 16.74
CA TYR A 559 -24.53 21.37 17.17
C TYR A 559 -23.53 21.71 18.26
N SER A 560 -23.19 22.99 18.31
CA SER A 560 -22.30 23.50 19.35
C SER A 560 -22.96 23.40 20.72
N ARG A 561 -24.19 23.88 20.83
CA ARG A 561 -25.03 23.83 22.04
C ARG A 561 -24.35 24.46 23.25
N GLY A 578 -24.25 39.81 32.30
CA GLY A 578 -25.44 40.63 32.41
C GLY A 578 -25.78 41.41 31.14
N TYR A 579 -24.99 41.18 30.09
CA TYR A 579 -25.19 41.81 28.80
C TYR A 579 -26.21 41.04 27.98
N ILE A 580 -26.42 41.45 26.73
CA ILE A 580 -27.23 40.67 25.80
C ILE A 580 -26.35 39.68 25.05
N LYS A 581 -26.74 38.41 25.09
CA LYS A 581 -25.98 37.39 24.39
C LYS A 581 -26.01 37.63 22.88
N THR A 582 -24.97 37.17 22.22
CA THR A 582 -24.80 37.34 20.79
C THR A 582 -24.28 36.02 20.23
N GLU A 583 -24.73 35.70 19.03
CA GLU A 583 -24.26 34.53 18.33
C GLU A 583 -24.02 34.89 16.87
N LEU A 584 -23.36 34.00 16.21
CA LEU A 584 -22.69 34.33 14.98
C LEU A 584 -23.18 33.33 13.93
N ILE A 585 -23.76 33.84 12.84
CA ILE A 585 -24.62 33.03 11.97
C ILE A 585 -24.52 33.50 10.53
N SER A 586 -24.69 32.55 9.61
CA SER A 586 -24.67 32.80 8.17
C SER A 586 -26.07 33.14 7.68
N VAL A 587 -26.19 34.18 6.86
CA VAL A 587 -27.50 34.66 6.43
C VAL A 587 -27.40 35.12 4.99
N SER A 588 -28.57 35.18 4.34
CA SER A 588 -28.71 35.54 2.93
C SER A 588 -29.84 36.56 2.80
N GLU A 589 -29.48 37.78 2.41
CA GLU A 589 -30.46 38.82 2.15
C GLU A 589 -30.79 38.86 0.67
N VAL A 590 -32.06 38.59 0.34
CA VAL A 590 -32.49 38.41 -1.06
C VAL A 590 -32.46 39.72 -1.83
N HIS A 591 -32.70 40.84 -1.13
CA HIS A 591 -32.47 42.18 -1.65
C HIS A 591 -33.17 42.42 -2.97
N SER A 592 -34.46 42.75 -2.93
CA SER A 592 -35.18 43.16 -4.13
C SER A 592 -34.89 44.61 -4.49
N GLN A 620 -48.24 29.85 9.37
CA GLN A 620 -47.15 30.80 9.14
C GLN A 620 -47.67 32.10 8.52
N VAL A 621 -46.84 33.15 8.56
CA VAL A 621 -47.12 34.45 7.95
C VAL A 621 -46.04 34.73 6.92
N ARG A 622 -46.17 35.86 6.22
CA ARG A 622 -45.24 36.16 5.15
C ARG A 622 -43.83 36.40 5.68
N THR A 623 -42.91 35.47 5.39
CA THR A 623 -41.54 35.63 5.82
C THR A 623 -40.66 36.04 4.65
N ALA A 624 -39.37 35.91 4.85
CA ALA A 624 -38.43 36.25 3.82
C ALA A 624 -38.26 35.16 2.78
N LEU A 625 -38.74 33.94 3.03
CA LEU A 625 -38.73 32.98 1.93
C LEU A 625 -39.98 33.12 1.08
N ASP A 626 -41.05 33.69 1.64
CA ASP A 626 -42.17 34.12 0.81
C ASP A 626 -41.76 35.26 -0.14
N VAL A 627 -40.88 36.17 0.30
CA VAL A 627 -40.37 37.09 -0.70
C VAL A 627 -39.27 36.45 -1.57
N LEU A 628 -38.62 35.39 -1.08
CA LEU A 628 -37.72 34.62 -1.95
C LEU A 628 -38.50 33.94 -3.05
N ARG A 629 -39.61 33.27 -2.70
CA ARG A 629 -40.45 32.62 -3.69
C ARG A 629 -40.90 33.61 -4.77
N GLU A 630 -41.39 34.79 -4.36
CA GLU A 630 -41.90 35.76 -5.32
C GLU A 630 -40.78 36.31 -6.22
N LEU A 631 -39.62 36.61 -5.64
CA LEU A 631 -38.54 37.16 -6.44
C LEU A 631 -38.07 36.17 -7.53
N THR A 632 -38.22 34.87 -7.31
CA THR A 632 -37.72 33.94 -8.33
C THR A 632 -38.77 33.58 -9.38
N GLN A 633 -40.07 33.59 -9.05
CA GLN A 633 -41.08 33.44 -10.09
C GLN A 633 -41.09 34.66 -11.00
N GLN A 634 -40.91 35.85 -10.42
CA GLN A 634 -40.78 37.05 -11.23
C GLN A 634 -39.61 36.94 -12.21
N ALA A 635 -38.54 36.28 -11.79
CA ALA A 635 -37.46 35.98 -12.72
C ALA A 635 -37.91 34.95 -13.74
N LYS A 636 -38.59 33.88 -13.28
CA LYS A 636 -39.05 32.83 -14.18
C LYS A 636 -40.14 33.32 -15.11
N GLN A 637 -41.03 34.18 -14.61
CA GLN A 637 -42.06 34.81 -15.43
C GLN A 637 -41.47 35.84 -16.39
N LEU A 638 -40.29 36.34 -16.10
CA LEU A 638 -39.52 37.09 -17.06
C LEU A 638 -38.72 36.13 -17.92
N ARG A 639 -38.13 36.65 -19.00
CA ARG A 639 -37.40 35.84 -19.97
C ARG A 639 -38.22 34.65 -20.46
N LEU A 640 -39.54 34.77 -20.44
CA LEU A 640 -40.47 33.82 -21.02
C LEU A 640 -40.56 34.03 -22.52
N THR A 641 -41.01 32.99 -23.22
CA THR A 641 -41.11 33.02 -24.67
C THR A 641 -42.45 33.60 -25.13
N ALA A 642 -42.45 34.10 -26.35
CA ALA A 642 -43.65 34.64 -26.97
C ALA A 642 -43.44 34.79 -28.48
#